data_3P22
#
_entry.id   3P22
#
_cell.length_a   144.746
_cell.length_b   50.869
_cell.length_c   91.380
_cell.angle_alpha   90.00
_cell.angle_beta   125.06
_cell.angle_gamma   90.00
#
_symmetry.space_group_name_H-M   'C 1 2 1'
#
loop_
_entity.id
_entity.type
_entity.pdbx_description
1 polymer 'Core ENE hairpin from KSHV PAN RNA'
2 polymer 'oligo(A)9 RNA'
3 water water
#
loop_
_entity_poly.entity_id
_entity_poly.type
_entity_poly.pdbx_seq_one_letter_code
_entity_poly.pdbx_strand_id
1 'polyribonucleotide' (GTP)GCUGGGUUUUUCCUUCGAAAGAAGGUUUUUAUCCCAGUC A,C,E,G
2 'polyribonucleotide' AAAAAAAAA B,D,F,H
#
loop_
_chem_comp.id
_chem_comp.type
_chem_comp.name
_chem_comp.formula
A RNA linking ADENOSINE-5'-MONOPHOSPHATE 'C10 H14 N5 O7 P'
C RNA linking CYTIDINE-5'-MONOPHOSPHATE 'C9 H14 N3 O8 P'
G RNA linking GUANOSINE-5'-MONOPHOSPHATE 'C10 H14 N5 O8 P'
GTP non-polymer GUANOSINE-5'-TRIPHOSPHATE 'C10 H16 N5 O14 P3'
U RNA linking URIDINE-5'-MONOPHOSPHATE 'C9 H13 N2 O9 P'
#
# COMPACT_ATOMS: atom_id res chain seq x y z
PG GTP A 1 5.20 -17.84 21.07
O1G GTP A 1 5.45 -16.69 20.09
O2G GTP A 1 5.71 -19.11 20.43
O3G GTP A 1 5.96 -17.61 22.36
O3B GTP A 1 3.60 -17.92 21.40
PB GTP A 1 2.64 -16.61 21.35
O1B GTP A 1 2.51 -16.09 19.92
O2B GTP A 1 3.19 -15.53 22.26
O3A GTP A 1 1.19 -17.16 21.83
PA GTP A 1 -0.03 -16.16 22.18
O1A GTP A 1 -1.09 -16.30 21.12
O2A GTP A 1 0.45 -14.75 22.32
O5' GTP A 1 -0.64 -16.72 23.57
C5' GTP A 1 -1.77 -17.59 23.60
C4' GTP A 1 -2.14 -17.91 25.04
O4' GTP A 1 -1.17 -18.77 25.60
C3' GTP A 1 -2.14 -16.70 25.93
O3' GTP A 1 -3.37 -16.02 25.85
C2' GTP A 1 -1.87 -17.31 27.27
O2' GTP A 1 -3.02 -17.93 27.82
C1' GTP A 1 -0.85 -18.37 26.92
N9 GTP A 1 0.44 -17.68 26.97
C8 GTP A 1 1.21 -17.26 25.91
N7 GTP A 1 2.31 -16.62 26.38
C5 GTP A 1 2.26 -16.61 27.74
C6 GTP A 1 3.11 -16.10 28.72
O6 GTP A 1 4.14 -15.50 28.43
N1 GTP A 1 2.78 -16.26 30.05
C2 GTP A 1 1.62 -16.91 30.40
N2 GTP A 1 1.30 -17.06 31.69
N3 GTP A 1 0.79 -17.41 29.42
C4 GTP A 1 1.10 -17.27 28.12
PG GTP C 1 27.36 25.15 10.51
O1G GTP C 1 26.68 26.40 11.08
O2G GTP C 1 28.72 24.98 11.17
O3G GTP C 1 26.51 23.92 10.76
O3B GTP C 1 27.54 25.32 8.90
PB GTP C 1 26.32 25.17 7.83
O1B GTP C 1 25.46 26.43 7.88
O2B GTP C 1 25.53 23.91 8.09
O3A GTP C 1 27.03 25.14 6.39
PA GTP C 1 26.16 25.41 5.05
O1A GTP C 1 25.62 26.82 5.05
O2A GTP C 1 25.09 24.33 5.00
O5' GTP C 1 27.19 25.29 3.82
C5' GTP C 1 27.54 26.44 3.09
C4' GTP C 1 28.95 26.35 2.47
O4' GTP C 1 30.00 26.37 3.44
C3' GTP C 1 29.16 25.06 1.70
O3' GTP C 1 28.76 25.16 0.36
C2' GTP C 1 30.65 24.82 1.82
O2' GTP C 1 31.36 25.52 0.83
C1' GTP C 1 31.00 25.38 3.19
N9 GTP C 1 30.90 24.19 4.10
C8 GTP C 1 29.91 23.95 5.02
N7 GTP C 1 30.17 22.75 5.61
C5 GTP C 1 31.29 22.21 5.07
C6 GTP C 1 32.00 21.04 5.31
O6 GTP C 1 31.61 20.21 6.15
N1 GTP C 1 33.14 20.78 4.58
C2 GTP C 1 33.59 21.69 3.64
N2 GTP C 1 34.69 21.44 2.93
N3 GTP C 1 32.88 22.86 3.42
C4 GTP C 1 31.75 23.12 4.12
PG GTP E 1 -27.36 4.49 4.42
O1G GTP E 1 -26.06 4.35 3.65
O2G GTP E 1 -27.62 5.97 4.69
O3G GTP E 1 -28.49 3.95 3.56
O3B GTP E 1 -27.28 3.64 5.82
PB GTP E 1 -26.44 2.25 6.00
O1B GTP E 1 -24.95 2.54 5.94
O2B GTP E 1 -26.83 1.24 4.93
O3A GTP E 1 -26.82 1.72 7.50
PA GTP E 1 -26.43 0.22 8.06
O1A GTP E 1 -25.33 0.35 9.09
O2A GTP E 1 -26.08 -0.68 6.90
O5' GTP E 1 -27.73 -0.34 8.80
C5' GTP E 1 -27.89 -0.30 10.21
C4' GTP E 1 -29.18 -1.02 10.64
O4' GTP E 1 -30.35 -0.26 10.31
C3' GTP E 1 -29.41 -2.36 9.95
O3' GTP E 1 -28.87 -3.46 10.66
C2' GTP E 1 -30.91 -2.47 9.92
O2' GTP E 1 -31.36 -2.84 11.20
C1' GTP E 1 -31.36 -1.05 9.66
N9 GTP E 1 -31.39 -0.92 8.17
C8 GTP E 1 -30.52 -0.23 7.38
N7 GTP E 1 -30.87 -0.39 6.09
C5 GTP E 1 -31.95 -1.18 6.02
C6 GTP E 1 -32.72 -1.67 4.96
O6 GTP E 1 -32.44 -1.39 3.81
N1 GTP E 1 -33.80 -2.48 5.22
C2 GTP E 1 -34.10 -2.81 6.52
N2 GTP E 1 -35.13 -3.60 6.80
N3 GTP E 1 -33.33 -2.32 7.56
C4 GTP E 1 -32.28 -1.53 7.32
PG GTP G 1 -4.58 -11.28 -36.54
O1G GTP G 1 -4.34 -12.80 -36.59
O2G GTP G 1 -5.52 -10.87 -37.65
O3G GTP G 1 -5.17 -10.85 -35.20
O3B GTP G 1 -3.16 -10.53 -36.76
PB GTP G 1 -2.04 -10.49 -35.63
O1B GTP G 1 -1.40 -11.85 -35.54
O2B GTP G 1 -2.63 -10.02 -34.32
O3A GTP G 1 -0.93 -9.48 -36.20
PA GTP G 1 0.50 -9.31 -35.49
O1A GTP G 1 1.29 -10.59 -35.62
O2A GTP G 1 0.29 -8.87 -34.06
O5' GTP G 1 1.24 -8.16 -36.37
C5' GTP G 1 2.34 -8.49 -37.20
C4' GTP G 1 2.47 -7.46 -38.32
O4' GTP G 1 1.35 -7.49 -39.19
C3' GTP G 1 2.52 -6.05 -37.79
O3' GTP G 1 3.82 -5.67 -37.44
C2' GTP G 1 2.00 -5.25 -38.96
O2' GTP G 1 3.04 -4.94 -39.84
C1' GTP G 1 0.96 -6.18 -39.59
N9 GTP G 1 -0.32 -5.81 -38.96
C8 GTP G 1 -1.01 -6.52 -38.01
N7 GTP G 1 -2.10 -5.82 -37.61
C5 GTP G 1 -2.11 -4.66 -38.30
C6 GTP G 1 -2.99 -3.58 -38.30
O6 GTP G 1 -4.00 -3.56 -37.58
N1 GTP G 1 -2.75 -2.51 -39.12
C2 GTP G 1 -1.65 -2.50 -39.93
N2 GTP G 1 -1.44 -1.43 -40.70
N3 GTP G 1 -0.78 -3.57 -39.94
C4 GTP G 1 -1.01 -4.64 -39.14
#